data_5WL1
#
_entry.id   5WL1
#
_cell.length_a   57.889
_cell.length_b   80.280
_cell.length_c   92.700
_cell.angle_alpha   90.000
_cell.angle_beta   90.000
_cell.angle_gamma   90.000
#
_symmetry.space_group_name_H-M   'P 21 21 21'
#
loop_
_entity.id
_entity.type
_entity.pdbx_description
1 polymer 'T-cell surface glycoprotein CD1b'
2 polymer Beta-2-microglobulin
3 branched alpha-L-fucopyranose-(1-3)-[2-acetamido-2-deoxy-beta-D-glucopyranose-(1-4)][alpha-L-fucopyranose-(1-6)]2-acetamido-2-deoxy-beta-D-glucopyranose
4 branched alpha-D-mannopyranose-(1-3)-beta-D-mannopyranose-(1-4)-2-acetamido-2-deoxy-beta-D-glucopyranose-(1-4)-[alpha-L-fucopyranose-(1-6)]2-acetamido-2-deoxy-beta-D-glucopyranose
5 branched alpha-D-mannopyranose-(1-3)-[alpha-D-mannopyranose-(1-6)]beta-D-mannopyranose-(1-4)-2-acetamido-2-deoxy-beta-D-glucopyranose-(1-4)-[alpha-L-fucopyranose-(1-3)][alpha-L-fucopyranose-(1-6)]2-acetamido-2-deoxy-beta-D-glucopyranose
6 non-polymer 'tetracosyl octadecanoate'
7 non-polymer 'IODIDE ION'
8 non-polymer 'CHLORIDE ION'
9 non-polymer 'SODIUM ION'
10 non-polymer 1,2-ETHANEDIOL
11 non-polymer '(19S,22R,25R)-22,25,26-trihydroxy-16,22-dioxo-17,21,23-trioxa-22lambda~5~-phosphahexacosan-19-yl (9E)-octadec-9-enoate'
12 water water
#
loop_
_entity_poly.entity_id
_entity_poly.type
_entity_poly.pdbx_seq_one_letter_code
_entity_poly.pdbx_strand_id
1 'polypeptide(L)'
;HAFQGPTSFHVIQTSSFTNSTWAQTQGSGWLDDLQIHGWDSDSGTAIFLKPWSKGNFSDKEVAELEEIFRVYIFGFAREV
QDFAGDFQMKYPFEIQGIAGCELHSGGAIVSFLRGALGGLDFLSVKNASCVPSPEGGSRAQKFCALIIQYQGIMETVRIL
LYETCPRYLLGVLNAGKADLQRQVKPEAWLSSGPSPGPGRLQLVCHVSGFYPKPVWVMWMRGEQEQQGTQLGDILPNANW
TWYLRATLDVADGEAAGLSCRVKHSSLEGQDIILYWRGSGLNDIFEAQKIEWHEHHHHHH
;
A
2 'polypeptide(L)'
;IQRTPKIQVYSRHPAENGKSNFLNCYVSGFHPSDIEVDLLKNGERIEKVEHSDLSFSKDWSFYLLYYTEFTPTEKDEYAC
RVNHVTLSQPKIVKWDRDM
;
B
#
# COMPACT_ATOMS: atom_id res chain seq x y z
N PHE A 3 -11.23 -4.83 19.11
CA PHE A 3 -11.84 -4.83 17.79
C PHE A 3 -10.78 -5.07 16.73
N GLN A 4 -11.19 -5.64 15.59
CA GLN A 4 -10.30 -5.96 14.50
C GLN A 4 -10.37 -4.90 13.40
N GLY A 5 -9.49 -4.99 12.44
CA GLY A 5 -9.41 -4.04 11.34
C GLY A 5 -8.54 -2.86 11.69
N PRO A 6 -8.57 -1.83 10.86
CA PRO A 6 -7.71 -0.65 11.08
C PRO A 6 -7.93 0.12 12.39
N THR A 7 -6.87 0.77 12.86
CA THR A 7 -6.85 1.53 14.12
C THR A 7 -6.28 2.95 13.91
N SER A 8 -6.09 3.38 12.67
N SER A 8 -6.13 3.39 12.67
CA SER A 8 -5.49 4.69 12.39
CA SER A 8 -5.52 4.67 12.36
C SER A 8 -6.07 5.32 11.17
C SER A 8 -6.15 5.32 11.18
N PHE A 9 -5.98 6.63 11.08
CA PHE A 9 -6.40 7.39 9.94
C PHE A 9 -5.30 8.30 9.52
N HIS A 10 -5.07 8.44 8.21
CA HIS A 10 -4.11 9.43 7.77
C HIS A 10 -4.43 9.94 6.38
N VAL A 11 -3.93 11.14 6.10
CA VAL A 11 -3.96 11.74 4.80
C VAL A 11 -2.54 11.73 4.28
N ILE A 12 -2.41 11.62 2.95
CA ILE A 12 -1.13 11.72 2.28
C ILE A 12 -1.19 12.75 1.17
N GLN A 13 -0.01 13.27 0.89
CA GLN A 13 0.24 14.23 -0.17
C GLN A 13 1.47 13.80 -0.95
N THR A 14 1.40 13.85 -2.28
CA THR A 14 2.56 13.71 -3.16
C THR A 14 2.56 14.89 -4.08
N SER A 15 3.54 15.80 -3.96
CA SER A 15 3.58 17.02 -4.77
C SER A 15 4.81 16.94 -5.65
N SER A 16 4.56 16.87 -6.96
CA SER A 16 5.58 16.65 -7.97
C SER A 16 5.84 17.94 -8.69
N PHE A 17 7.04 18.48 -8.52
CA PHE A 17 7.44 19.76 -9.11
C PHE A 17 8.29 19.47 -10.34
N THR A 18 7.68 19.60 -11.53
CA THR A 18 8.41 19.31 -12.77
C THR A 18 9.38 20.40 -13.14
N ASN A 19 8.89 21.64 -13.09
CA ASN A 19 9.66 22.83 -13.43
C ASN A 19 9.15 23.97 -12.58
N SER A 20 9.75 25.15 -12.73
CA SER A 20 9.39 26.30 -11.92
C SER A 20 7.96 26.80 -12.14
N THR A 21 7.27 26.36 -13.20
CA THR A 21 5.90 26.82 -13.43
C THR A 21 4.90 25.68 -13.54
N TRP A 22 5.30 24.44 -13.13
CA TRP A 22 4.37 23.34 -13.21
C TRP A 22 4.59 22.36 -12.06
N ALA A 23 3.56 22.21 -11.23
CA ALA A 23 3.54 21.30 -10.10
C ALA A 23 2.16 20.73 -9.94
N GLN A 24 2.07 19.46 -9.54
CA GLN A 24 0.78 18.81 -9.35
C GLN A 24 0.83 17.99 -8.08
N THR A 25 -0.29 17.93 -7.40
CA THR A 25 -0.41 17.21 -6.15
C THR A 25 -1.45 16.12 -6.27
N GLN A 26 -1.15 14.96 -5.68
CA GLN A 26 -2.07 13.86 -5.49
C GLN A 26 -2.27 13.68 -4.01
N GLY A 27 -3.50 13.44 -3.60
CA GLY A 27 -3.81 13.24 -2.19
C GLY A 27 -4.88 12.21 -1.98
N SER A 28 -4.96 11.71 -0.74
CA SER A 28 -5.93 10.68 -0.42
C SER A 28 -5.97 10.50 1.11
N GLY A 29 -7.01 9.82 1.57
CA GLY A 29 -7.26 9.53 2.99
C GLY A 29 -7.40 8.04 3.17
N TRP A 30 -6.88 7.52 4.30
CA TRP A 30 -6.75 6.08 4.49
C TRP A 30 -7.03 5.66 5.92
N LEU A 31 -7.55 4.44 6.08
CA LEU A 31 -7.62 3.76 7.38
C LEU A 31 -6.64 2.65 7.27
N ASP A 32 -5.49 2.77 7.95
CA ASP A 32 -4.35 1.89 7.77
C ASP A 32 -4.04 1.90 6.23
N ASP A 33 -4.17 0.74 5.52
N ASP A 33 -4.15 0.79 5.50
CA ASP A 33 -3.90 0.58 4.10
CA ASP A 33 -3.87 0.80 4.06
C ASP A 33 -5.15 0.65 3.22
C ASP A 33 -5.16 0.62 3.21
N LEU A 34 -6.32 0.91 3.80
CA LEU A 34 -7.61 0.93 3.10
C LEU A 34 -7.96 2.36 2.72
N GLN A 35 -8.13 2.64 1.41
CA GLN A 35 -8.43 3.99 1.02
C GLN A 35 -9.90 4.33 1.28
N ILE A 36 -10.17 5.48 1.93
CA ILE A 36 -11.54 5.94 2.18
C ILE A 36 -11.79 7.30 1.54
N HIS A 37 -10.75 8.10 1.20
CA HIS A 37 -10.92 9.35 0.50
C HIS A 37 -10.00 9.43 -0.66
N GLY A 38 -10.47 10.06 -1.71
CA GLY A 38 -9.66 10.44 -2.86
C GLY A 38 -9.66 11.94 -2.92
N TRP A 39 -8.74 12.51 -3.65
CA TRP A 39 -8.70 13.95 -3.89
C TRP A 39 -8.83 14.19 -5.37
N ASP A 40 -9.85 14.97 -5.81
CA ASP A 40 -10.11 15.23 -7.20
C ASP A 40 -9.51 16.56 -7.59
N SER A 41 -8.38 16.54 -8.32
N SER A 41 -8.39 16.55 -8.34
CA SER A 41 -7.70 17.77 -8.76
CA SER A 41 -7.73 17.78 -8.75
C SER A 41 -8.53 18.55 -9.79
C SER A 41 -8.54 18.55 -9.79
N ASP A 42 -9.50 17.92 -10.46
CA ASP A 42 -10.37 18.64 -11.38
C ASP A 42 -11.26 19.67 -10.68
N SER A 43 -11.68 19.35 -9.45
CA SER A 43 -12.64 20.15 -8.69
C SER A 43 -12.10 20.77 -7.44
N GLY A 44 -10.97 20.30 -6.93
CA GLY A 44 -10.45 20.79 -5.66
C GLY A 44 -11.32 20.36 -4.51
N THR A 45 -11.89 19.16 -4.60
CA THR A 45 -12.74 18.56 -3.59
C THR A 45 -12.42 17.08 -3.41
N ALA A 46 -12.88 16.53 -2.32
CA ALA A 46 -12.65 15.14 -2.02
C ALA A 46 -13.66 14.22 -2.70
N ILE A 47 -13.25 12.94 -2.79
CA ILE A 47 -14.05 11.83 -3.28
C ILE A 47 -14.27 10.92 -2.06
N PHE A 48 -15.50 10.69 -1.68
CA PHE A 48 -15.84 9.88 -0.51
C PHE A 48 -16.09 8.48 -1.00
N LEU A 49 -15.13 7.57 -0.77
CA LEU A 49 -15.17 6.24 -1.37
C LEU A 49 -16.11 5.25 -0.71
N LYS A 50 -16.54 5.53 0.53
CA LYS A 50 -17.48 4.70 1.24
C LYS A 50 -18.62 5.56 1.74
N PRO A 51 -19.84 4.99 1.87
CA PRO A 51 -20.96 5.82 2.37
C PRO A 51 -20.73 6.44 3.76
N TRP A 52 -19.82 5.83 4.53
CA TRP A 52 -19.48 6.24 5.89
C TRP A 52 -18.18 7.02 5.97
N SER A 53 -17.58 7.39 4.84
CA SER A 53 -16.28 8.08 4.83
C SER A 53 -16.27 9.42 5.57
N LYS A 54 -17.42 10.06 5.81
CA LYS A 54 -17.43 11.32 6.59
C LYS A 54 -17.48 11.05 8.10
N GLY A 55 -17.50 9.79 8.52
CA GLY A 55 -17.54 9.45 9.93
C GLY A 55 -18.75 10.09 10.60
N ASN A 56 -18.54 10.75 11.75
CA ASN A 56 -19.62 11.42 12.45
C ASN A 56 -19.59 12.92 12.21
N PHE A 57 -18.84 13.39 11.20
CA PHE A 57 -18.76 14.82 10.90
C PHE A 57 -19.94 15.28 10.07
N SER A 58 -20.37 16.50 10.33
CA SER A 58 -21.44 17.11 9.56
C SER A 58 -20.96 17.48 8.18
N ASP A 59 -21.90 17.62 7.23
CA ASP A 59 -21.53 18.00 5.86
C ASP A 59 -20.82 19.36 5.88
N LYS A 60 -21.23 20.28 6.78
CA LYS A 60 -20.61 21.59 6.87
C LYS A 60 -19.14 21.48 7.32
N GLU A 61 -18.86 20.68 8.35
CA GLU A 61 -17.47 20.55 8.83
C GLU A 61 -16.61 19.88 7.75
N VAL A 62 -17.15 18.85 7.10
CA VAL A 62 -16.43 18.19 6.00
C VAL A 62 -16.10 19.21 4.90
N ALA A 63 -17.09 20.02 4.47
CA ALA A 63 -16.81 21.00 3.42
C ALA A 63 -15.74 22.02 3.85
N GLU A 64 -15.75 22.42 5.13
CA GLU A 64 -14.71 23.33 5.68
C GLU A 64 -13.33 22.71 5.57
N LEU A 65 -13.21 21.43 5.93
CA LEU A 65 -11.94 20.71 5.83
C LEU A 65 -11.52 20.55 4.37
N GLU A 66 -12.45 20.26 3.46
CA GLU A 66 -12.11 20.17 2.03
C GLU A 66 -11.53 21.49 1.57
N GLU A 67 -12.14 22.61 2.01
CA GLU A 67 -11.63 23.92 1.62
C GLU A 67 -10.26 24.21 2.23
N ILE A 68 -10.03 23.80 3.50
CA ILE A 68 -8.70 23.94 4.07
C ILE A 68 -7.71 23.20 3.18
N PHE A 69 -8.02 21.94 2.78
CA PHE A 69 -7.08 21.20 1.98
C PHE A 69 -6.94 21.77 0.60
N ARG A 70 -8.02 22.32 0.00
CA ARG A 70 -7.88 22.94 -1.33
C ARG A 70 -6.94 24.15 -1.27
N VAL A 71 -7.14 25.02 -0.26
CA VAL A 71 -6.30 26.20 -0.11
C VAL A 71 -4.85 25.80 0.19
N TYR A 72 -4.68 24.77 1.04
CA TYR A 72 -3.35 24.30 1.36
C TYR A 72 -2.64 23.75 0.12
N ILE A 73 -3.31 22.91 -0.67
CA ILE A 73 -2.66 22.30 -1.84
C ILE A 73 -2.19 23.40 -2.81
N PHE A 74 -3.07 24.39 -3.08
CA PHE A 74 -2.71 25.49 -3.97
C PHE A 74 -1.55 26.32 -3.39
N GLY A 75 -1.70 26.67 -2.12
CA GLY A 75 -0.73 27.51 -1.41
C GLY A 75 0.61 26.86 -1.26
N PHE A 76 0.60 25.55 -1.01
CA PHE A 76 1.84 24.78 -0.88
C PHE A 76 2.69 24.88 -2.14
N ALA A 77 2.09 24.64 -3.28
CA ALA A 77 2.80 24.70 -4.54
C ALA A 77 3.28 26.12 -4.82
N ARG A 78 2.40 27.10 -4.57
CA ARG A 78 2.73 28.52 -4.77
C ARG A 78 3.97 28.89 -3.96
N GLU A 79 3.96 28.59 -2.64
CA GLU A 79 5.07 28.96 -1.79
C GLU A 79 6.33 28.16 -2.11
N VAL A 80 6.23 26.86 -2.41
CA VAL A 80 7.42 26.09 -2.73
C VAL A 80 8.09 26.65 -3.99
N GLN A 81 7.30 26.99 -5.00
CA GLN A 81 7.85 27.56 -6.22
C GLN A 81 8.50 28.92 -5.96
N ASP A 82 7.92 29.73 -5.06
CA ASP A 82 8.50 31.05 -4.76
C ASP A 82 9.83 30.94 -4.04
N PHE A 83 9.94 30.03 -3.07
CA PHE A 83 11.15 29.83 -2.27
C PHE A 83 12.15 28.83 -2.87
N ALA A 84 11.81 28.15 -3.99
CA ALA A 84 12.67 27.11 -4.54
C ALA A 84 14.11 27.61 -4.79
N GLY A 85 14.24 28.82 -5.32
CA GLY A 85 15.55 29.42 -5.57
C GLY A 85 16.37 29.62 -4.32
N ASP A 86 15.77 30.18 -3.25
CA ASP A 86 16.46 30.42 -1.98
C ASP A 86 16.84 29.11 -1.28
N PHE A 87 16.06 28.03 -1.51
CA PHE A 87 16.33 26.71 -0.92
C PHE A 87 17.19 25.84 -1.88
N GLN A 88 17.79 26.46 -2.92
CA GLN A 88 18.68 25.82 -3.89
C GLN A 88 18.10 24.53 -4.42
N MET A 89 16.83 24.58 -4.81
CA MET A 89 16.14 23.41 -5.33
C MET A 89 16.44 23.21 -6.78
N LYS A 90 16.63 21.95 -7.17
CA LYS A 90 16.90 21.57 -8.55
C LYS A 90 15.72 20.73 -9.03
N TYR A 91 15.14 21.11 -10.16
CA TYR A 91 14.01 20.40 -10.73
C TYR A 91 14.46 19.23 -11.59
N PRO A 92 13.66 18.16 -11.69
CA PRO A 92 12.42 17.91 -10.94
C PRO A 92 12.64 17.44 -9.53
N PHE A 93 11.65 17.70 -8.66
CA PHE A 93 11.71 17.17 -7.29
C PHE A 93 10.31 16.82 -6.83
N GLU A 94 10.26 16.03 -5.75
CA GLU A 94 9.01 15.50 -5.27
C GLU A 94 8.98 15.50 -3.77
N ILE A 95 7.91 16.09 -3.21
CA ILE A 95 7.69 16.19 -1.78
C ILE A 95 6.53 15.29 -1.39
N GLN A 96 6.67 14.62 -0.26
CA GLN A 96 5.60 13.79 0.30
C GLN A 96 5.29 14.23 1.70
N GLY A 97 4.03 14.02 2.09
CA GLY A 97 3.59 14.30 3.45
C GLY A 97 2.58 13.28 3.88
N ILE A 98 2.58 12.97 5.20
CA ILE A 98 1.61 12.07 5.77
C ILE A 98 1.24 12.65 7.11
N ALA A 99 -0.03 12.68 7.45
CA ALA A 99 -0.46 13.19 8.75
C ALA A 99 -1.71 12.46 9.19
N GLY A 100 -1.84 12.25 10.49
CA GLY A 100 -2.99 11.53 10.98
C GLY A 100 -2.87 11.17 12.45
N CYS A 101 -3.60 10.15 12.84
CA CYS A 101 -3.61 9.75 14.24
C CYS A 101 -3.99 8.28 14.35
N GLU A 102 -3.68 7.67 15.48
CA GLU A 102 -3.88 6.24 15.66
C GLU A 102 -4.24 5.94 17.09
N LEU A 103 -5.07 4.91 17.27
CA LEU A 103 -5.55 4.45 18.56
C LEU A 103 -4.67 3.33 19.04
N HIS A 104 -4.14 3.45 20.27
CA HIS A 104 -3.22 2.49 20.86
C HIS A 104 -3.86 1.69 21.97
N SER A 105 -3.16 0.63 22.41
N SER A 105 -3.17 0.62 22.39
CA SER A 105 -3.60 -0.17 23.54
CA SER A 105 -3.61 -0.18 23.54
C SER A 105 -3.62 0.72 24.76
C SER A 105 -3.63 0.72 24.76
N GLY A 106 -4.70 0.66 25.53
CA GLY A 106 -4.89 1.54 26.68
C GLY A 106 -5.76 2.74 26.32
N GLY A 107 -6.06 2.95 25.03
CA GLY A 107 -7.00 3.96 24.58
C GLY A 107 -6.44 5.29 24.12
N ALA A 108 -5.17 5.57 24.34
CA ALA A 108 -4.62 6.85 23.90
C ALA A 108 -4.60 6.95 22.39
N ILE A 109 -4.80 8.17 21.92
CA ILE A 109 -4.73 8.45 20.51
C ILE A 109 -3.50 9.30 20.32
N VAL A 110 -2.61 8.89 19.39
CA VAL A 110 -1.36 9.59 19.14
C VAL A 110 -1.41 10.15 17.74
N SER A 111 -1.00 11.40 17.56
CA SER A 111 -1.01 12.06 16.25
C SER A 111 0.37 12.15 15.68
N PHE A 112 0.47 12.28 14.36
CA PHE A 112 1.76 12.33 13.70
C PHE A 112 1.68 13.13 12.42
N LEU A 113 2.82 13.68 12.01
CA LEU A 113 2.95 14.40 10.76
C LEU A 113 4.39 14.23 10.35
N ARG A 114 4.62 13.75 9.12
N ARG A 114 4.63 13.75 9.12
CA ARG A 114 5.96 13.54 8.58
CA ARG A 114 5.96 13.53 8.58
C ARG A 114 6.01 14.11 7.20
C ARG A 114 6.02 14.08 7.18
N GLY A 115 7.16 14.61 6.81
CA GLY A 115 7.41 15.14 5.47
C GLY A 115 8.68 14.57 4.90
N ALA A 116 8.74 14.47 3.57
CA ALA A 116 9.89 13.97 2.86
C ALA A 116 10.18 14.75 1.60
N LEU A 117 11.48 14.81 1.23
CA LEU A 117 11.96 15.40 -0.01
C LEU A 117 12.89 14.40 -0.62
N GLY A 118 12.76 14.16 -1.93
CA GLY A 118 13.64 13.20 -2.59
C GLY A 118 13.55 11.78 -2.06
N GLY A 119 12.41 11.40 -1.49
CA GLY A 119 12.25 10.07 -0.91
C GLY A 119 12.93 9.87 0.41
N LEU A 120 13.47 10.93 1.02
CA LEU A 120 14.12 10.85 2.32
C LEU A 120 13.38 11.70 3.32
N ASP A 121 13.40 11.28 4.56
CA ASP A 121 12.80 12.02 5.64
C ASP A 121 13.34 13.45 5.62
N PHE A 122 12.45 14.41 5.84
CA PHE A 122 12.80 15.82 5.85
C PHE A 122 12.39 16.48 7.18
N LEU A 123 11.16 16.24 7.67
CA LEU A 123 10.71 16.79 8.93
C LEU A 123 9.66 15.94 9.55
N SER A 124 9.39 16.23 10.83
CA SER A 124 8.27 15.66 11.54
C SER A 124 7.77 16.68 12.51
N VAL A 125 6.54 16.45 13.01
CA VAL A 125 5.95 17.28 14.05
C VAL A 125 5.93 16.45 15.27
N LYS A 126 6.63 16.89 16.30
CA LYS A 126 6.67 16.22 17.60
C LYS A 126 6.31 17.30 18.63
N ASN A 127 5.30 17.04 19.48
CA ASN A 127 4.91 18.00 20.52
C ASN A 127 4.50 19.38 19.92
N ALA A 128 3.73 19.37 18.82
CA ALA A 128 3.26 20.57 18.10
C ALA A 128 4.40 21.50 17.60
N SER A 129 5.61 20.96 17.34
N SER A 129 5.61 20.94 17.36
CA SER A 129 6.73 21.74 16.86
CA SER A 129 6.78 21.68 16.88
C SER A 129 7.37 21.03 15.68
C SER A 129 7.36 21.01 15.67
N CYS A 130 7.97 21.82 14.79
CA CYS A 130 8.63 21.33 13.58
C CYS A 130 9.98 20.80 13.97
N VAL A 131 10.27 19.54 13.67
CA VAL A 131 11.56 18.92 13.98
C VAL A 131 12.22 18.54 12.68
N PRO A 132 13.31 19.19 12.32
CA PRO A 132 14.00 18.78 11.10
C PRO A 132 14.65 17.41 11.25
N SER A 133 14.60 16.62 10.20
N SER A 133 14.61 16.62 10.19
CA SER A 133 15.19 15.30 10.19
CA SER A 133 15.22 15.31 10.18
C SER A 133 16.63 15.41 9.69
C SER A 133 16.65 15.45 9.72
N PRO A 134 17.63 14.73 10.30
CA PRO A 134 19.02 14.84 9.81
C PRO A 134 19.22 14.59 8.30
N GLU A 135 18.43 13.68 7.69
CA GLU A 135 18.49 13.41 6.24
C GLU A 135 18.19 14.68 5.42
N GLY A 136 17.40 15.59 6.00
CA GLY A 136 17.03 16.83 5.35
C GLY A 136 18.08 17.92 5.39
N GLY A 137 19.10 17.76 6.24
CA GLY A 137 20.23 18.68 6.33
C GLY A 137 19.89 20.10 6.69
N SER A 138 20.73 21.06 6.27
CA SER A 138 20.50 22.49 6.55
C SER A 138 19.19 22.99 5.93
N ARG A 139 18.77 22.42 4.80
CA ARG A 139 17.55 22.82 4.13
C ARG A 139 16.34 22.59 5.06
N ALA A 140 16.28 21.43 5.77
CA ALA A 140 15.19 21.20 6.70
C ALA A 140 15.23 22.11 7.92
N GLN A 141 16.44 22.47 8.38
CA GLN A 141 16.55 23.44 9.48
C GLN A 141 16.01 24.80 9.05
N LYS A 142 16.37 25.22 7.84
CA LYS A 142 15.90 26.47 7.24
C LYS A 142 14.36 26.46 7.06
N PHE A 143 13.80 25.33 6.57
CA PHE A 143 12.37 25.23 6.40
C PHE A 143 11.63 25.37 7.75
N CYS A 144 12.08 24.60 8.75
CA CYS A 144 11.40 24.69 10.06
C CYS A 144 11.44 26.11 10.62
N ALA A 145 12.55 26.80 10.53
CA ALA A 145 12.64 28.19 11.04
C ALA A 145 11.71 29.14 10.30
N LEU A 146 11.52 28.91 9.02
CA LEU A 146 10.64 29.73 8.20
C LEU A 146 9.15 29.46 8.47
N ILE A 147 8.73 28.17 8.47
CA ILE A 147 7.31 27.84 8.61
C ILE A 147 6.72 28.21 9.98
N ILE A 148 7.50 28.11 11.06
CA ILE A 148 6.93 28.33 12.40
C ILE A 148 6.56 29.80 12.63
N GLN A 149 6.97 30.67 11.70
CA GLN A 149 6.67 32.09 11.78
C GLN A 149 5.35 32.38 11.14
N TYR A 150 4.82 31.37 10.45
CA TYR A 150 3.56 31.55 9.76
C TYR A 150 2.43 31.45 10.69
N GLN A 151 1.77 32.60 10.83
CA GLN A 151 0.59 32.76 11.61
C GLN A 151 -0.46 31.95 10.91
N GLY A 152 -1.25 31.25 11.70
CA GLY A 152 -2.31 30.44 11.14
C GLY A 152 -1.88 29.03 10.78
N ILE A 153 -0.76 28.80 10.08
CA ILE A 153 -0.35 27.49 9.69
C ILE A 153 -0.04 26.62 10.88
N MET A 154 0.77 27.05 11.79
CA MET A 154 1.12 26.31 12.99
C MET A 154 -0.04 25.95 13.83
N GLU A 155 -0.87 26.93 14.08
CA GLU A 155 -2.07 26.80 14.81
C GLU A 155 -3.02 25.84 14.12
N THR A 156 -3.27 25.99 12.81
CA THR A 156 -4.19 25.10 12.08
C THR A 156 -3.67 23.67 12.10
N VAL A 157 -2.36 23.47 11.93
CA VAL A 157 -1.81 22.12 11.99
C VAL A 157 -2.06 21.54 13.40
N ARG A 158 -1.82 22.33 14.47
CA ARG A 158 -2.04 21.87 15.85
C ARG A 158 -3.51 21.41 16.04
N ILE A 159 -4.44 22.22 15.60
CA ILE A 159 -5.87 21.91 15.75
C ILE A 159 -6.19 20.63 15.02
N LEU A 160 -5.77 20.53 13.75
CA LEU A 160 -6.08 19.36 12.95
C LEU A 160 -5.48 18.09 13.53
N LEU A 161 -4.22 18.13 13.95
CA LEU A 161 -3.59 16.94 14.50
C LEU A 161 -4.15 16.52 15.81
N TYR A 162 -4.25 17.44 16.77
CA TYR A 162 -4.52 17.07 18.16
C TYR A 162 -5.95 17.24 18.61
N GLU A 163 -6.79 17.91 17.82
CA GLU A 163 -8.19 18.12 18.21
C GLU A 163 -9.16 17.55 17.18
N THR A 164 -8.91 17.76 15.88
CA THR A 164 -9.84 17.25 14.89
C THR A 164 -9.61 15.77 14.60
N CYS A 165 -8.35 15.37 14.41
CA CYS A 165 -8.09 13.99 14.01
C CYS A 165 -8.58 12.97 15.02
N PRO A 166 -8.36 13.11 16.35
CA PRO A 166 -8.80 12.03 17.26
C PRO A 166 -10.31 11.80 17.23
N ARG A 167 -11.09 12.89 17.25
CA ARG A 167 -12.55 12.70 17.16
C ARG A 167 -12.99 12.18 15.78
N TYR A 168 -12.30 12.60 14.70
CA TYR A 168 -12.60 12.06 13.40
C TYR A 168 -12.34 10.56 13.38
N LEU A 169 -11.16 10.12 13.87
CA LEU A 169 -10.81 8.71 13.86
C LEU A 169 -11.84 7.88 14.58
N LEU A 170 -12.23 8.27 15.82
CA LEU A 170 -13.19 7.46 16.55
C LEU A 170 -14.53 7.41 15.82
N GLY A 171 -14.95 8.55 15.32
CA GLY A 171 -16.24 8.57 14.62
C GLY A 171 -16.25 7.72 13.36
N VAL A 172 -15.13 7.67 12.61
CA VAL A 172 -15.13 6.91 11.35
C VAL A 172 -14.90 5.41 11.60
N LEU A 173 -14.12 5.04 12.62
CA LEU A 173 -13.99 3.62 12.98
C LEU A 173 -15.32 3.07 13.39
N ASN A 174 -16.11 3.88 14.10
CA ASN A 174 -17.47 3.46 14.46
C ASN A 174 -18.39 3.47 13.21
N ALA A 175 -18.38 4.54 12.43
CA ALA A 175 -19.28 4.64 11.28
C ALA A 175 -19.04 3.55 10.23
N GLY A 176 -17.79 3.10 10.08
CA GLY A 176 -17.45 2.08 9.10
C GLY A 176 -17.35 0.67 9.58
N LYS A 177 -17.70 0.39 10.84
CA LYS A 177 -17.43 -0.90 11.46
C LYS A 177 -18.06 -2.08 10.70
N ALA A 178 -19.17 -1.90 9.94
CA ALA A 178 -19.74 -3.01 9.18
C ALA A 178 -18.76 -3.53 8.14
N ASP A 179 -17.97 -2.63 7.55
CA ASP A 179 -16.95 -3.03 6.57
C ASP A 179 -15.60 -3.28 7.23
N LEU A 180 -15.22 -2.44 8.19
CA LEU A 180 -13.90 -2.52 8.81
C LEU A 180 -13.73 -3.74 9.71
N GLN A 181 -14.83 -4.23 10.32
CA GLN A 181 -14.78 -5.39 11.20
C GLN A 181 -15.48 -6.60 10.54
N ARG A 182 -15.69 -6.58 9.22
CA ARG A 182 -16.22 -7.77 8.56
C ARG A 182 -15.15 -8.89 8.55
N GLN A 183 -15.60 -10.13 8.33
CA GLN A 183 -14.75 -11.32 8.26
C GLN A 183 -14.94 -11.96 6.92
N VAL A 184 -13.86 -12.07 6.14
CA VAL A 184 -13.92 -12.67 4.81
C VAL A 184 -12.97 -13.86 4.79
N LYS A 185 -13.49 -15.05 4.44
CA LYS A 185 -12.68 -16.26 4.50
C LYS A 185 -11.66 -16.42 3.38
N PRO A 186 -10.43 -16.87 3.70
CA PRO A 186 -9.46 -17.15 2.64
C PRO A 186 -9.81 -18.43 1.88
N GLU A 187 -9.26 -18.53 0.70
CA GLU A 187 -9.15 -19.79 -0.02
C GLU A 187 -7.67 -20.05 -0.14
N ALA A 188 -7.29 -21.30 -0.25
CA ALA A 188 -5.90 -21.64 -0.34
C ALA A 188 -5.66 -22.71 -1.36
N TRP A 189 -4.47 -22.70 -1.93
CA TRP A 189 -4.07 -23.72 -2.91
C TRP A 189 -2.57 -23.89 -2.95
N LEU A 190 -2.14 -25.02 -3.50
CA LEU A 190 -0.74 -25.35 -3.61
C LEU A 190 -0.25 -25.30 -5.05
N SER A 191 1.01 -24.97 -5.20
CA SER A 191 1.69 -25.03 -6.46
C SER A 191 3.16 -25.24 -6.26
N SER A 192 3.85 -25.47 -7.37
N SER A 192 3.85 -25.48 -7.37
CA SER A 192 5.31 -25.53 -7.41
CA SER A 192 5.30 -25.51 -7.39
C SER A 192 5.84 -24.09 -7.44
C SER A 192 5.82 -24.07 -7.37
N GLY A 193 7.10 -23.92 -7.06
CA GLY A 193 7.79 -22.65 -7.08
C GLY A 193 9.00 -22.83 -7.95
N PRO A 194 9.77 -21.76 -8.22
CA PRO A 194 11.00 -21.93 -9.00
C PRO A 194 11.95 -22.88 -8.28
N SER A 195 12.60 -23.78 -9.01
CA SER A 195 13.53 -24.72 -8.39
C SER A 195 14.70 -23.95 -7.74
N PRO A 196 14.90 -24.02 -6.41
CA PRO A 196 16.04 -23.30 -5.81
C PRO A 196 17.40 -23.79 -6.33
N GLY A 197 17.46 -25.00 -6.88
CA GLY A 197 18.69 -25.55 -7.44
C GLY A 197 18.59 -27.04 -7.74
N PRO A 198 19.71 -27.64 -8.19
CA PRO A 198 19.72 -29.08 -8.51
C PRO A 198 19.27 -29.99 -7.36
N GLY A 199 18.29 -30.85 -7.63
CA GLY A 199 17.78 -31.81 -6.65
C GLY A 199 16.91 -31.18 -5.57
N ARG A 200 16.45 -29.95 -5.78
CA ARG A 200 15.62 -29.25 -4.79
C ARG A 200 14.36 -28.71 -5.46
N LEU A 201 13.29 -28.59 -4.67
CA LEU A 201 12.01 -28.04 -5.11
C LEU A 201 11.61 -26.95 -4.18
N GLN A 202 10.74 -26.08 -4.66
CA GLN A 202 10.08 -25.08 -3.82
C GLN A 202 8.60 -25.36 -3.89
N LEU A 203 7.96 -25.49 -2.72
CA LEU A 203 6.50 -25.65 -2.67
C LEU A 203 5.91 -24.38 -2.21
N VAL A 204 4.77 -23.98 -2.82
CA VAL A 204 4.10 -22.73 -2.51
C VAL A 204 2.71 -22.98 -2.01
N CYS A 205 2.36 -22.39 -0.88
CA CYS A 205 1.02 -22.40 -0.34
C CYS A 205 0.48 -20.98 -0.51
N HIS A 206 -0.54 -20.83 -1.32
CA HIS A 206 -1.17 -19.57 -1.64
C HIS A 206 -2.37 -19.41 -0.77
N VAL A 207 -2.58 -18.21 -0.23
CA VAL A 207 -3.73 -17.89 0.60
C VAL A 207 -4.29 -16.57 0.11
N SER A 208 -5.52 -16.54 -0.34
CA SER A 208 -6.07 -15.35 -0.95
C SER A 208 -7.49 -15.03 -0.56
N GLY A 209 -7.81 -13.74 -0.56
CA GLY A 209 -9.17 -13.28 -0.34
C GLY A 209 -9.60 -13.12 1.09
N PHE A 210 -8.64 -13.09 2.02
CA PHE A 210 -8.99 -12.95 3.43
C PHE A 210 -9.02 -11.49 3.87
N TYR A 211 -9.83 -11.24 4.91
CA TYR A 211 -9.92 -9.95 5.57
C TYR A 211 -10.46 -10.23 6.96
N PRO A 212 -9.90 -9.68 8.02
CA PRO A 212 -8.80 -8.74 8.15
C PRO A 212 -7.45 -9.33 7.80
N LYS A 213 -6.41 -8.50 7.86
CA LYS A 213 -5.07 -8.89 7.40
C LYS A 213 -4.35 -9.96 8.25
N PRO A 214 -4.46 -9.99 9.60
CA PRO A 214 -3.76 -11.03 10.37
C PRO A 214 -4.14 -12.44 9.89
N VAL A 215 -3.16 -13.29 9.60
CA VAL A 215 -3.37 -14.64 9.11
C VAL A 215 -2.18 -15.49 9.58
N TRP A 216 -2.38 -16.82 9.62
CA TRP A 216 -1.34 -17.77 10.00
C TRP A 216 -1.28 -18.85 8.94
N VAL A 217 -0.08 -19.05 8.36
N VAL A 217 -0.09 -19.08 8.40
CA VAL A 217 0.15 -20.04 7.32
CA VAL A 217 0.10 -20.10 7.37
C VAL A 217 1.45 -20.77 7.64
C VAL A 217 1.43 -20.77 7.62
N MET A 218 1.44 -22.11 7.58
CA MET A 218 2.64 -22.85 7.88
C MET A 218 2.68 -24.15 7.11
N TRP A 219 3.88 -24.51 6.64
CA TRP A 219 4.14 -25.82 6.09
C TRP A 219 4.34 -26.76 7.29
N MET A 220 3.78 -27.98 7.18
CA MET A 220 3.73 -28.96 8.25
C MET A 220 4.13 -30.33 7.77
N ARG A 221 4.66 -31.14 8.69
CA ARG A 221 4.76 -32.59 8.52
C ARG A 221 3.98 -33.15 9.69
N GLY A 222 2.75 -33.57 9.46
CA GLY A 222 1.87 -33.97 10.55
C GLY A 222 1.57 -32.76 11.41
N GLU A 223 1.85 -32.85 12.72
CA GLU A 223 1.67 -31.74 13.63
C GLU A 223 2.98 -30.95 13.83
N GLN A 224 4.08 -31.30 13.08
CA GLN A 224 5.33 -30.58 13.22
C GLN A 224 5.41 -29.41 12.27
N GLU A 225 5.47 -28.20 12.82
CA GLU A 225 5.59 -26.98 12.02
C GLU A 225 6.97 -26.93 11.41
N GLN A 226 7.07 -26.67 10.12
CA GLN A 226 8.38 -26.61 9.44
C GLN A 226 8.97 -25.21 9.57
N GLN A 227 10.03 -25.06 10.38
CA GLN A 227 10.64 -23.76 10.62
C GLN A 227 11.23 -23.11 9.36
N GLY A 228 11.49 -23.90 8.34
CA GLY A 228 11.96 -23.39 7.05
C GLY A 228 10.90 -22.64 6.26
N THR A 229 9.62 -22.68 6.71
CA THR A 229 8.55 -21.95 6.04
C THR A 229 8.98 -20.49 5.88
N GLN A 230 8.88 -19.95 4.66
CA GLN A 230 9.22 -18.56 4.36
C GLN A 230 7.94 -17.81 3.99
N LEU A 231 7.54 -16.83 4.80
CA LEU A 231 6.36 -16.03 4.52
C LEU A 231 6.71 -14.95 3.56
N GLY A 232 5.94 -14.81 2.50
CA GLY A 232 6.09 -13.72 1.57
C GLY A 232 5.48 -12.47 2.19
N ASP A 233 5.64 -11.35 1.54
CA ASP A 233 5.03 -10.12 2.04
C ASP A 233 3.53 -10.18 1.70
N ILE A 234 2.69 -9.59 2.54
CA ILE A 234 1.26 -9.55 2.25
C ILE A 234 1.05 -8.62 1.05
N LEU A 235 0.28 -9.10 0.08
CA LEU A 235 -0.01 -8.37 -1.17
C LEU A 235 -1.48 -8.06 -1.23
N PRO A 236 -1.86 -6.95 -1.86
CA PRO A 236 -3.28 -6.62 -1.91
C PRO A 236 -4.04 -7.24 -3.08
N ASN A 237 -5.31 -7.51 -2.85
CA ASN A 237 -6.27 -7.77 -3.90
C ASN A 237 -7.14 -6.54 -4.01
N ALA A 238 -7.85 -6.37 -5.12
CA ALA A 238 -8.83 -5.29 -5.20
C ALA A 238 -9.98 -5.62 -4.20
N ASN A 239 -10.72 -4.64 -3.76
CA ASN A 239 -11.89 -4.79 -2.88
C ASN A 239 -11.54 -5.31 -1.45
N TRP A 240 -10.45 -4.80 -0.90
CA TRP A 240 -10.08 -4.92 0.52
C TRP A 240 -9.91 -6.36 1.00
N THR A 241 -9.15 -7.17 0.25
CA THR A 241 -8.71 -8.46 0.72
C THR A 241 -7.24 -8.59 0.41
N TRP A 242 -6.64 -9.62 0.95
CA TRP A 242 -5.22 -9.81 0.89
C TRP A 242 -4.83 -11.18 0.33
N TYR A 243 -3.54 -11.26 -0.07
CA TYR A 243 -2.91 -12.42 -0.69
C TYR A 243 -1.55 -12.65 -0.06
N LEU A 244 -1.23 -13.91 0.19
CA LEU A 244 0.03 -14.29 0.81
C LEU A 244 0.51 -15.61 0.25
N ARG A 245 1.82 -15.72 0.04
CA ARG A 245 2.48 -16.96 -0.33
C ARG A 245 3.37 -17.39 0.81
N ALA A 246 3.31 -18.68 1.18
CA ALA A 246 4.21 -19.29 2.14
C ALA A 246 4.98 -20.38 1.41
N THR A 247 6.31 -20.28 1.34
CA THR A 247 7.11 -21.21 0.58
C THR A 247 7.98 -22.10 1.46
N LEU A 248 8.37 -23.26 0.90
CA LEU A 248 9.29 -24.15 1.57
C LEU A 248 10.21 -24.77 0.51
N ASP A 249 11.53 -24.65 0.73
CA ASP A 249 12.54 -25.26 -0.12
C ASP A 249 12.91 -26.58 0.47
N VAL A 250 12.77 -27.68 -0.31
N VAL A 250 12.78 -27.68 -0.32
CA VAL A 250 13.00 -29.03 0.19
CA VAL A 250 13.07 -29.03 0.14
C VAL A 250 13.66 -29.90 -0.91
C VAL A 250 13.86 -29.80 -0.91
N ALA A 251 14.48 -30.89 -0.49
CA ALA A 251 15.13 -31.84 -1.41
C ALA A 251 14.04 -32.62 -2.16
N ASP A 252 14.26 -32.97 -3.44
CA ASP A 252 13.28 -33.70 -4.27
C ASP A 252 12.56 -34.84 -3.53
N GLY A 253 13.33 -35.69 -2.87
CA GLY A 253 12.81 -36.84 -2.17
C GLY A 253 12.23 -36.59 -0.79
N GLU A 254 12.15 -35.31 -0.34
CA GLU A 254 11.64 -34.95 0.99
C GLU A 254 10.33 -34.14 0.88
N ALA A 255 9.74 -33.97 -0.32
CA ALA A 255 8.48 -33.22 -0.45
C ALA A 255 7.26 -34.05 0.02
N ALA A 256 7.29 -35.37 -0.12
CA ALA A 256 6.18 -36.21 0.31
C ALA A 256 6.01 -36.10 1.80
N GLY A 257 4.75 -36.02 2.22
CA GLY A 257 4.39 -35.89 3.64
C GLY A 257 4.12 -34.48 4.09
N LEU A 258 4.36 -33.49 3.22
CA LEU A 258 4.12 -32.09 3.56
C LEU A 258 2.66 -31.69 3.37
N SER A 259 2.22 -30.76 4.22
CA SER A 259 0.91 -30.17 4.14
C SER A 259 1.03 -28.70 4.52
N CYS A 260 0.06 -27.90 4.11
CA CYS A 260 0.01 -26.49 4.44
C CYS A 260 -1.22 -26.29 5.30
N ARG A 261 -1.08 -25.57 6.42
N ARG A 261 -1.09 -25.63 6.45
CA ARG A 261 -2.17 -25.29 7.34
CA ARG A 261 -2.20 -25.33 7.34
C ARG A 261 -2.39 -23.79 7.40
C ARG A 261 -2.40 -23.82 7.37
N VAL A 262 -3.66 -23.37 7.26
CA VAL A 262 -4.02 -21.97 7.29
C VAL A 262 -5.01 -21.74 8.43
N LYS A 263 -4.73 -20.73 9.26
CA LYS A 263 -5.65 -20.27 10.31
C LYS A 263 -6.02 -18.82 10.02
N HIS A 264 -7.28 -18.45 10.21
CA HIS A 264 -7.71 -17.08 10.02
C HIS A 264 -8.91 -16.83 10.94
N SER A 265 -9.05 -15.61 11.41
CA SER A 265 -10.13 -15.17 12.29
C SER A 265 -11.52 -15.49 11.75
N SER A 266 -11.71 -15.53 10.42
CA SER A 266 -12.99 -15.77 9.79
C SER A 266 -13.40 -17.24 9.78
N LEU A 267 -12.45 -18.16 10.03
CA LEU A 267 -12.71 -19.61 9.91
C LEU A 267 -13.30 -20.21 11.18
N GLU A 268 -13.50 -19.44 12.27
CA GLU A 268 -14.13 -19.95 13.51
C GLU A 268 -13.41 -21.22 14.01
N GLY A 269 -12.08 -21.21 14.00
CA GLY A 269 -11.28 -22.34 14.46
C GLY A 269 -11.20 -23.55 13.55
N GLN A 270 -11.73 -23.47 12.30
CA GLN A 270 -11.71 -24.58 11.33
C GLN A 270 -10.64 -24.32 10.31
N ASP A 271 -9.42 -24.71 10.64
CA ASP A 271 -8.27 -24.49 9.77
C ASP A 271 -8.42 -25.17 8.42
N ILE A 272 -7.75 -24.60 7.40
CA ILE A 272 -7.70 -25.21 6.07
C ILE A 272 -6.44 -26.03 6.05
N ILE A 273 -6.49 -27.28 5.58
CA ILE A 273 -5.33 -28.14 5.44
C ILE A 273 -5.25 -28.62 4.04
N LEU A 274 -4.12 -28.42 3.39
CA LEU A 274 -3.85 -28.86 2.03
C LEU A 274 -2.70 -29.82 2.07
N TYR A 275 -2.75 -30.88 1.29
CA TYR A 275 -1.71 -31.90 1.27
C TYR A 275 -0.98 -31.90 -0.04
N TRP A 276 0.35 -31.83 0.01
CA TRP A 276 1.13 -31.93 -1.20
C TRP A 276 1.27 -33.40 -1.60
N ARG A 277 0.97 -33.72 -2.86
CA ARG A 277 1.15 -35.05 -3.43
C ARG A 277 2.18 -34.94 -4.55
N GLY A 278 3.10 -35.87 -4.62
CA GLY A 278 4.15 -35.82 -5.62
C GLY A 278 3.78 -36.51 -6.90
N SER A 279 4.79 -36.67 -7.78
CA SER A 279 4.66 -37.35 -9.08
C SER A 279 3.58 -36.75 -9.99
N GLY A 280 3.34 -35.45 -9.90
CA GLY A 280 2.31 -34.82 -10.72
C GLY A 280 0.89 -35.12 -10.30
N LEU A 281 0.67 -35.60 -9.05
CA LEU A 281 -0.68 -35.92 -8.56
C LEU A 281 -1.28 -34.75 -7.76
N ASN A 282 -0.77 -33.51 -8.02
CA ASN A 282 -1.19 -32.15 -7.64
C ASN A 282 -0.42 -31.56 -6.51
N ILE B 1 18.71 9.83 -4.36
CA ILE B 1 18.71 8.53 -5.01
C ILE B 1 17.25 8.15 -5.42
N GLN B 2 17.16 7.49 -6.55
CA GLN B 2 15.93 6.97 -7.12
C GLN B 2 15.93 5.49 -6.85
N ARG B 3 14.73 4.90 -6.78
CA ARG B 3 14.57 3.49 -6.44
C ARG B 3 13.76 2.83 -7.51
N THR B 4 14.25 1.67 -8.02
CA THR B 4 13.57 1.02 -9.11
C THR B 4 12.39 0.16 -8.60
N PRO B 5 11.34 0.01 -9.40
CA PRO B 5 10.21 -0.78 -8.93
C PRO B 5 10.42 -2.27 -8.83
N LYS B 6 9.87 -2.83 -7.76
CA LYS B 6 9.66 -4.25 -7.58
C LYS B 6 8.33 -4.55 -8.26
N ILE B 7 8.22 -5.68 -8.94
CA ILE B 7 7.04 -6.04 -9.72
C ILE B 7 6.62 -7.46 -9.39
N GLN B 8 5.41 -7.66 -8.85
CA GLN B 8 4.89 -8.97 -8.47
C GLN B 8 3.59 -9.20 -9.16
N VAL B 9 3.46 -10.35 -9.84
CA VAL B 9 2.32 -10.68 -10.67
C VAL B 9 1.66 -11.93 -10.13
N TYR B 10 0.36 -11.88 -9.88
CA TYR B 10 -0.34 -12.99 -9.25
C TYR B 10 -1.80 -12.96 -9.59
N SER B 11 -2.45 -14.13 -9.48
CA SER B 11 -3.89 -14.22 -9.71
C SER B 11 -4.64 -14.18 -8.41
N ARG B 12 -5.85 -13.63 -8.44
CA ARG B 12 -6.72 -13.54 -7.26
C ARG B 12 -7.15 -14.93 -6.76
N HIS B 13 -7.47 -15.81 -7.71
CA HIS B 13 -7.95 -17.17 -7.46
C HIS B 13 -7.00 -18.14 -8.11
N PRO B 14 -7.02 -19.43 -7.73
CA PRO B 14 -6.16 -20.38 -8.44
C PRO B 14 -6.51 -20.42 -9.92
N ALA B 15 -5.52 -20.55 -10.79
CA ALA B 15 -5.79 -20.62 -12.22
C ALA B 15 -6.56 -21.90 -12.56
N GLU B 16 -7.66 -21.74 -13.29
CA GLU B 16 -8.45 -22.86 -13.81
C GLU B 16 -8.69 -22.51 -15.26
N ASN B 17 -8.15 -23.31 -16.20
CA ASN B 17 -8.30 -22.97 -17.61
C ASN B 17 -9.76 -22.80 -18.01
N GLY B 18 -10.07 -21.69 -18.68
CA GLY B 18 -11.42 -21.35 -19.11
C GLY B 18 -12.29 -20.70 -18.06
N LYS B 19 -11.78 -20.54 -16.81
CA LYS B 19 -12.54 -19.93 -15.71
C LYS B 19 -12.09 -18.50 -15.50
N SER B 20 -13.06 -17.59 -15.37
CA SER B 20 -12.76 -16.17 -15.15
C SER B 20 -12.06 -15.97 -13.83
N ASN B 21 -11.07 -15.07 -13.81
CA ASN B 21 -10.23 -14.80 -12.64
C ASN B 21 -9.80 -13.35 -12.69
N PHE B 22 -8.89 -12.91 -11.80
CA PHE B 22 -8.36 -11.55 -11.83
C PHE B 22 -6.87 -11.62 -11.79
N LEU B 23 -6.20 -10.86 -12.67
CA LEU B 23 -4.75 -10.76 -12.75
C LEU B 23 -4.32 -9.49 -12.06
N ASN B 24 -3.43 -9.63 -11.08
CA ASN B 24 -2.90 -8.50 -10.31
C ASN B 24 -1.44 -8.26 -10.62
N CYS B 25 -1.05 -6.98 -10.66
CA CYS B 25 0.34 -6.59 -10.72
C CYS B 25 0.55 -5.55 -9.67
N TYR B 26 1.38 -5.87 -8.68
CA TYR B 26 1.71 -4.99 -7.57
C TYR B 26 3.11 -4.43 -7.83
N VAL B 27 3.20 -3.10 -7.99
CA VAL B 27 4.44 -2.41 -8.27
C VAL B 27 4.77 -1.58 -7.05
N SER B 28 5.96 -1.77 -6.47
CA SER B 28 6.28 -1.16 -5.20
C SER B 28 7.75 -0.80 -5.07
N GLY B 29 8.09 -0.08 -4.03
CA GLY B 29 9.48 0.19 -3.73
C GLY B 29 10.14 1.21 -4.62
N PHE B 30 9.34 2.00 -5.37
CA PHE B 30 9.94 2.91 -6.36
C PHE B 30 9.89 4.37 -5.94
N HIS B 31 10.78 5.16 -6.53
CA HIS B 31 10.86 6.60 -6.27
C HIS B 31 11.60 7.22 -7.45
N PRO B 32 11.10 8.26 -8.12
CA PRO B 32 9.89 9.07 -7.92
C PRO B 32 8.63 8.39 -8.34
N SER B 33 7.51 9.05 -8.14
CA SER B 33 6.21 8.41 -8.33
C SER B 33 5.77 8.17 -9.75
N ASP B 34 6.23 8.99 -10.72
CA ASP B 34 5.74 8.82 -12.09
C ASP B 34 6.10 7.44 -12.60
N ILE B 35 5.14 6.72 -13.13
CA ILE B 35 5.38 5.36 -13.57
C ILE B 35 4.31 4.98 -14.57
N GLU B 36 4.65 4.07 -15.47
CA GLU B 36 3.68 3.53 -16.42
C GLU B 36 3.61 2.04 -16.22
N VAL B 37 2.40 1.50 -16.10
CA VAL B 37 2.17 0.09 -15.89
C VAL B 37 1.09 -0.39 -16.84
N ASP B 38 1.39 -1.48 -17.55
CA ASP B 38 0.46 -2.13 -18.44
C ASP B 38 0.39 -3.58 -18.11
N LEU B 39 -0.77 -4.18 -18.33
CA LEU B 39 -0.94 -5.63 -18.26
C LEU B 39 -1.02 -6.12 -19.70
N LEU B 40 -0.32 -7.20 -20.01
CA LEU B 40 -0.25 -7.72 -21.38
C LEU B 40 -0.85 -9.09 -21.51
N LYS B 41 -1.44 -9.38 -22.68
CA LYS B 41 -1.92 -10.69 -23.05
C LYS B 41 -1.24 -11.03 -24.36
N ASN B 42 -0.39 -12.06 -24.37
CA ASN B 42 0.36 -12.51 -25.57
C ASN B 42 1.16 -11.36 -26.27
N GLY B 43 1.68 -10.45 -25.46
CA GLY B 43 2.53 -9.33 -25.84
C GLY B 43 1.77 -8.05 -26.11
N GLU B 44 0.41 -8.10 -26.12
CA GLU B 44 -0.43 -6.95 -26.43
C GLU B 44 -1.00 -6.29 -25.18
N ARG B 45 -1.03 -4.95 -25.15
CA ARG B 45 -1.59 -4.21 -24.03
C ARG B 45 -3.08 -4.48 -23.84
N ILE B 46 -3.49 -4.79 -22.60
CA ILE B 46 -4.90 -5.00 -22.25
C ILE B 46 -5.49 -3.60 -22.02
N GLU B 47 -6.58 -3.29 -22.72
CA GLU B 47 -7.18 -1.94 -22.72
C GLU B 47 -7.83 -1.53 -21.42
N LYS B 48 -8.69 -2.40 -20.85
CA LYS B 48 -9.41 -2.09 -19.63
C LYS B 48 -8.68 -2.70 -18.43
N VAL B 49 -7.87 -1.88 -17.77
CA VAL B 49 -7.12 -2.24 -16.55
C VAL B 49 -7.45 -1.18 -15.51
N GLU B 50 -7.69 -1.62 -14.27
CA GLU B 50 -7.96 -0.71 -13.17
C GLU B 50 -6.71 -0.56 -12.34
N HIS B 51 -6.62 0.54 -11.59
CA HIS B 51 -5.48 0.70 -10.69
C HIS B 51 -5.84 1.54 -9.50
N SER B 52 -5.06 1.35 -8.43
CA SER B 52 -5.26 2.11 -7.20
C SER B 52 -4.75 3.53 -7.33
N ASP B 53 -5.22 4.39 -6.44
CA ASP B 53 -4.66 5.71 -6.33
C ASP B 53 -3.28 5.58 -5.70
N LEU B 54 -2.43 6.53 -5.92
CA LEU B 54 -1.07 6.50 -5.41
C LEU B 54 -1.02 6.40 -3.90
N SER B 55 -0.13 5.57 -3.39
CA SER B 55 0.17 5.48 -1.97
C SER B 55 1.67 5.26 -1.81
N PHE B 56 2.14 5.28 -0.58
CA PHE B 56 3.55 5.03 -0.32
C PHE B 56 3.70 4.41 1.05
N SER B 57 4.85 3.77 1.25
N SER B 57 4.83 3.71 1.24
CA SER B 57 5.17 3.06 2.48
CA SER B 57 5.13 3.02 2.49
C SER B 57 5.87 3.98 3.47
C SER B 57 5.90 3.94 3.44
N LYS B 58 6.17 3.45 4.65
CA LYS B 58 6.86 4.20 5.70
C LYS B 58 8.24 4.74 5.24
N ASP B 59 8.93 4.02 4.36
CA ASP B 59 10.23 4.46 3.84
C ASP B 59 10.09 5.44 2.65
N TRP B 60 8.85 5.91 2.38
CA TRP B 60 8.52 6.87 1.33
C TRP B 60 8.48 6.28 -0.08
N SER B 61 8.71 4.96 -0.24
N SER B 61 8.74 4.98 -0.27
CA SER B 61 8.63 4.35 -1.57
CA SER B 61 8.66 4.40 -1.61
C SER B 61 7.17 4.20 -1.98
C SER B 61 7.19 4.21 -1.99
N PHE B 62 6.87 4.43 -3.25
CA PHE B 62 5.51 4.38 -3.76
C PHE B 62 5.09 2.98 -4.08
N TYR B 63 3.78 2.75 -4.12
CA TYR B 63 3.25 1.47 -4.56
C TYR B 63 1.88 1.65 -5.19
N LEU B 64 1.59 0.78 -6.12
CA LEU B 64 0.35 0.74 -6.88
C LEU B 64 -0.07 -0.67 -7.15
N LEU B 65 -1.38 -0.90 -7.22
CA LEU B 65 -1.94 -2.17 -7.63
C LEU B 65 -2.68 -1.96 -8.95
N TYR B 66 -2.33 -2.74 -9.96
CA TYR B 66 -3.03 -2.79 -11.25
C TYR B 66 -3.70 -4.13 -11.38
N TYR B 67 -4.94 -4.15 -11.89
CA TYR B 67 -5.62 -5.42 -12.01
C TYR B 67 -6.63 -5.42 -13.14
N THR B 68 -6.97 -6.62 -13.58
CA THR B 68 -8.01 -6.79 -14.58
C THR B 68 -8.54 -8.19 -14.54
N GLU B 69 -9.79 -8.33 -15.01
CA GLU B 69 -10.39 -9.64 -15.22
C GLU B 69 -9.60 -10.33 -16.32
N PHE B 70 -9.43 -11.64 -16.21
CA PHE B 70 -8.77 -12.44 -17.25
C PHE B 70 -9.24 -13.88 -17.13
N THR B 71 -9.18 -14.62 -18.24
CA THR B 71 -9.58 -16.02 -18.28
C THR B 71 -8.35 -16.80 -18.69
N PRO B 72 -7.61 -17.40 -17.75
CA PRO B 72 -6.42 -18.16 -18.13
C PRO B 72 -6.73 -19.35 -19.03
N THR B 73 -5.78 -19.69 -19.89
CA THR B 73 -5.80 -20.88 -20.74
C THR B 73 -4.41 -21.48 -20.70
N GLU B 74 -4.27 -22.70 -21.18
CA GLU B 74 -2.98 -23.37 -21.19
C GLU B 74 -1.96 -22.63 -22.08
N LYS B 75 -2.39 -22.14 -23.25
CA LYS B 75 -1.50 -21.49 -24.22
C LYS B 75 -1.22 -19.99 -23.96
N ASP B 76 -2.24 -19.20 -23.58
CA ASP B 76 -2.09 -17.75 -23.46
C ASP B 76 -1.12 -17.32 -22.36
N GLU B 77 -0.33 -16.27 -22.65
CA GLU B 77 0.66 -15.74 -21.73
C GLU B 77 0.20 -14.37 -21.24
N TYR B 78 0.47 -14.05 -19.96
CA TYR B 78 0.11 -12.76 -19.38
C TYR B 78 1.28 -12.18 -18.68
N ALA B 79 1.35 -10.84 -18.61
CA ALA B 79 2.49 -10.19 -17.99
C ALA B 79 2.16 -8.80 -17.51
N CYS B 80 3.10 -8.23 -16.77
CA CYS B 80 3.06 -6.86 -16.30
C CYS B 80 4.28 -6.16 -16.87
N ARG B 81 4.07 -5.03 -17.53
CA ARG B 81 5.12 -4.23 -18.17
C ARG B 81 5.21 -2.89 -17.52
N VAL B 82 6.40 -2.51 -17.01
CA VAL B 82 6.58 -1.30 -16.25
C VAL B 82 7.64 -0.40 -16.86
N ASN B 83 7.36 0.89 -16.92
CA ASN B 83 8.31 1.90 -17.33
C ASN B 83 8.50 2.91 -16.18
N HIS B 84 9.73 3.29 -15.90
CA HIS B 84 10.07 4.19 -14.81
C HIS B 84 11.37 4.91 -15.14
N VAL B 85 11.64 6.09 -14.57
CA VAL B 85 12.89 6.82 -14.91
C VAL B 85 14.16 6.01 -14.59
N THR B 86 14.07 5.06 -13.64
CA THR B 86 15.23 4.24 -13.26
C THR B 86 15.54 3.14 -14.29
N LEU B 87 14.63 2.89 -15.26
CA LEU B 87 14.78 1.83 -16.24
C LEU B 87 15.05 2.41 -17.59
N SER B 88 15.99 1.84 -18.34
CA SER B 88 16.25 2.34 -19.68
C SER B 88 15.27 1.74 -20.68
N GLN B 89 14.72 0.56 -20.38
CA GLN B 89 13.72 -0.12 -21.20
C GLN B 89 12.57 -0.55 -20.32
N PRO B 90 11.38 -0.85 -20.88
CA PRO B 90 10.32 -1.41 -20.03
C PRO B 90 10.72 -2.77 -19.45
N LYS B 91 10.35 -3.00 -18.19
CA LYS B 91 10.61 -4.26 -17.52
C LYS B 91 9.35 -5.07 -17.59
N ILE B 92 9.43 -6.32 -18.06
CA ILE B 92 8.30 -7.24 -18.19
C ILE B 92 8.48 -8.39 -17.20
N VAL B 93 7.44 -8.65 -16.41
CA VAL B 93 7.39 -9.79 -15.50
C VAL B 93 6.18 -10.64 -15.90
N LYS B 94 6.42 -11.90 -16.25
CA LYS B 94 5.35 -12.76 -16.70
C LYS B 94 4.62 -13.37 -15.52
N TRP B 95 3.32 -13.56 -15.71
CA TRP B 95 2.50 -14.31 -14.77
C TRP B 95 2.86 -15.77 -14.96
N ASP B 96 3.08 -16.48 -13.87
CA ASP B 96 3.38 -17.92 -13.90
C ASP B 96 2.67 -18.60 -12.74
N ARG B 97 1.62 -19.35 -13.04
CA ARG B 97 0.86 -20.08 -12.00
C ARG B 97 1.72 -21.13 -11.28
N ASP B 98 2.81 -21.61 -11.93
CA ASP B 98 3.74 -22.62 -11.40
C ASP B 98 5.07 -22.00 -11.00
#